data_3W7G
#
_entry.id   3W7G
#
_cell.length_a   67.950
_cell.length_b   71.828
_cell.length_c   129.239
_cell.angle_alpha   90.000
_cell.angle_beta   90.000
_cell.angle_gamma   90.000
#
_symmetry.space_group_name_H-M   'P 21 21 21'
#
loop_
_entity.id
_entity.type
_entity.pdbx_description
1 polymer 'Dihydroorotate dehydrogenase (fumarate)'
2 non-polymer '5-[2-(2-methoxyphenyl)ethyl]-2,6-dioxo-1,2,3,6-tetrahydropyrimidine-4-carboxylic acid'
3 non-polymer GLYCEROL
4 non-polymer 'FLAVIN MONONUCLEOTIDE'
5 non-polymer 'COBALT HEXAMMINE(III)'
6 water water
#
_entity_poly.entity_id   1
_entity_poly.type   'polypeptide(L)'
_entity_poly.pdbx_seq_one_letter_code
;MCLKLNLLDHVFANPFMNAAGVLCSTEEDLRCMTASSSGALVSKSCTSAPRDGNPEPRYMAFPLGSINSMGLPNLGFDFY
LKYASDLHDYSKKPLFLSISGLSVEENVAMVRRLAPVAQEKGVLLELNLSCPNVPGKPQVAYDFEAMRTYLQQVSLAYGL
PFGVKMPPYFDIAHFDTAAAVLNEFPLVKFVTCVNSVGNGLVIDAESESVVIKPKQGFGGLGGKYILPTALANVNAFYRR
CPDKLVFGCGGVYSGEDAFLHILAGASMVQVGTALQEEGPGIFTRLEDELLEIMARKGYRTLEEFRGRVKTIE
;
_entity_poly.pdbx_strand_id   A,B
#
# COMPACT_ATOMS: atom_id res chain seq x y z
N MET A 1 1.62 -3.18 -36.85
CA MET A 1 1.50 -3.18 -35.34
C MET A 1 2.59 -2.31 -34.76
N CYS A 2 2.24 -1.40 -33.87
CA CYS A 2 3.29 -0.51 -33.35
C CYS A 2 3.01 0.10 -32.01
N LEU A 3 4.10 0.42 -31.36
CA LEU A 3 4.08 0.94 -30.03
C LEU A 3 4.25 2.46 -29.97
N LYS A 4 4.24 3.14 -31.11
CA LYS A 4 4.52 4.57 -31.20
C LYS A 4 3.44 5.34 -30.46
N LEU A 5 3.84 6.43 -29.84
CA LEU A 5 2.92 7.39 -29.29
C LEU A 5 3.39 8.81 -29.60
N ASN A 6 2.47 9.72 -29.60
CA ASN A 6 2.75 11.13 -29.89
C ASN A 6 1.97 11.85 -28.83
N LEU A 7 2.68 12.37 -27.86
CA LEU A 7 2.05 13.13 -26.80
C LEU A 7 2.93 14.22 -26.30
N LEU A 8 2.31 15.18 -25.64
CA LEU A 8 3.02 16.37 -25.14
C LEU A 8 3.95 17.01 -26.19
N ASP A 9 3.49 16.98 -27.46
CA ASP A 9 4.25 17.51 -28.63
CA ASP A 9 4.25 17.53 -28.60
C ASP A 9 5.59 16.84 -28.86
N HIS A 10 5.68 15.60 -28.40
CA HIS A 10 6.82 14.76 -28.70
C HIS A 10 6.40 13.43 -29.24
N VAL A 11 7.34 12.76 -29.88
CA VAL A 11 7.10 11.47 -30.49
C VAL A 11 7.99 10.46 -29.77
N PHE A 12 7.38 9.33 -29.45
CA PHE A 12 7.98 8.28 -28.64
C PHE A 12 7.91 6.96 -29.45
N ALA A 13 9.05 6.28 -29.56
CA ALA A 13 9.05 5.04 -30.27
C ALA A 13 8.20 3.95 -29.60
N ASN A 14 8.10 4.02 -28.23
CA ASN A 14 7.37 3.04 -27.46
C ASN A 14 7.05 3.72 -26.11
N PRO A 15 6.24 3.09 -25.28
CA PRO A 15 5.85 3.81 -24.04
C PRO A 15 6.80 3.68 -22.89
N PHE A 16 7.84 2.93 -23.06
CA PHE A 16 8.70 2.51 -21.90
C PHE A 16 9.75 3.52 -21.59
N MET A 17 9.99 3.71 -20.29
CA MET A 17 11.04 4.61 -19.80
C MET A 17 11.48 4.14 -18.45
N ASN A 18 12.64 4.60 -17.97
CA ASN A 18 12.95 4.37 -16.55
C ASN A 18 12.05 5.12 -15.65
N ALA A 19 11.88 4.64 -14.41
CA ALA A 19 11.29 5.37 -13.29
C ALA A 19 12.35 6.29 -12.68
N ALA A 20 11.96 7.49 -12.30
CA ALA A 20 12.92 8.37 -11.67
C ALA A 20 13.60 7.65 -10.54
N GLY A 21 14.90 7.86 -10.42
CA GLY A 21 15.70 7.23 -9.43
C GLY A 21 16.53 6.09 -9.91
N VAL A 22 16.06 5.42 -10.97
CA VAL A 22 16.74 4.23 -11.47
C VAL A 22 17.49 4.51 -12.78
N LEU A 23 18.77 4.21 -12.79
CA LEU A 23 19.62 4.34 -13.96
C LEU A 23 19.59 5.73 -14.57
N CYS A 24 19.69 6.72 -13.70
CA CYS A 24 19.54 8.08 -14.18
C CYS A 24 20.25 9.17 -13.38
N SER A 25 21.17 8.77 -12.54
CA SER A 25 21.85 9.75 -11.69
C SER A 25 23.08 10.47 -12.22
N THR A 26 23.88 9.74 -12.93
CA THR A 26 25.13 10.25 -13.51
C THR A 26 25.00 10.41 -15.04
N GLU A 27 25.99 11.12 -15.62
CA GLU A 27 26.05 11.24 -17.06
C GLU A 27 26.14 9.83 -17.69
N GLU A 28 26.97 8.93 -17.11
CA GLU A 28 27.07 7.58 -17.58
C GLU A 28 25.68 6.91 -17.63
N ASP A 29 24.90 7.09 -16.55
CA ASP A 29 23.58 6.45 -16.48
C ASP A 29 22.65 6.99 -17.56
N LEU A 30 22.69 8.29 -17.75
CA LEU A 30 21.81 8.94 -18.76
C LEU A 30 22.18 8.61 -20.20
N ARG A 31 23.48 8.46 -20.45
CA ARG A 31 23.95 7.93 -21.73
CA ARG A 31 23.94 7.93 -21.73
C ARG A 31 23.50 6.50 -21.94
N CYS A 32 23.54 5.70 -20.89
CA CYS A 32 23.07 4.32 -20.96
C CYS A 32 21.61 4.23 -21.27
N MET A 33 20.81 5.00 -20.51
CA MET A 33 19.39 5.04 -20.85
C MET A 33 19.12 5.53 -22.26
N THR A 34 19.90 6.52 -22.73
CA THR A 34 19.69 7.04 -24.07
C THR A 34 20.02 5.97 -25.14
N ALA A 35 21.08 5.16 -24.91
CA ALA A 35 21.48 4.10 -25.82
C ALA A 35 20.52 2.93 -25.83
N SER A 36 19.74 2.78 -24.77
CA SER A 36 18.77 1.63 -24.62
C SER A 36 17.61 1.78 -25.64
N SER A 37 16.78 0.75 -25.67
CA SER A 37 15.60 0.75 -26.54
C SER A 37 14.45 1.46 -25.91
N SER A 38 14.57 2.04 -24.73
CA SER A 38 13.44 2.77 -24.19
C SER A 38 12.94 3.90 -25.09
N GLY A 39 11.66 4.20 -24.93
CA GLY A 39 11.06 5.29 -25.65
C GLY A 39 11.35 6.67 -25.12
N ALA A 40 11.74 6.77 -23.86
CA ALA A 40 12.13 8.03 -23.23
C ALA A 40 13.02 7.72 -22.03
N LEU A 41 13.51 8.76 -21.38
CA LEU A 41 14.18 8.65 -20.09
C LEU A 41 13.82 9.81 -19.21
N VAL A 42 13.96 9.59 -17.93
CA VAL A 42 13.81 10.68 -16.91
C VAL A 42 15.04 10.78 -16.08
N SER A 43 15.57 11.98 -15.88
CA SER A 43 16.76 12.13 -15.03
C SER A 43 16.40 12.08 -13.59
N LYS A 44 17.39 11.74 -12.73
CA LYS A 44 17.24 11.57 -11.32
C LYS A 44 16.64 12.81 -10.65
N SER A 45 15.63 12.60 -9.82
CA SER A 45 15.02 13.70 -9.02
C SER A 45 16.14 14.48 -8.34
N CYS A 46 16.10 15.79 -8.60
CA CYS A 46 17.18 16.65 -8.05
C CYS A 46 16.71 17.75 -7.09
N THR A 47 17.73 18.22 -6.37
CA THR A 47 17.63 19.32 -5.44
C THR A 47 18.61 20.39 -5.93
N SER A 48 18.48 21.58 -5.31
CA SER A 48 19.33 22.69 -5.71
C SER A 48 20.78 22.41 -5.53
N ALA A 49 21.10 21.80 -4.38
CA ALA A 49 22.48 21.38 -4.15
C ALA A 49 22.66 19.88 -4.27
N PRO A 50 23.86 19.45 -4.63
CA PRO A 50 24.12 17.97 -4.64
C PRO A 50 23.89 17.37 -3.24
N ARG A 51 23.43 16.10 -3.24
CA ARG A 51 23.24 15.37 -2.02
C ARG A 51 23.90 14.02 -2.14
N ASP A 52 24.53 13.61 -0.98
CA ASP A 52 25.07 12.29 -0.91
C ASP A 52 24.03 11.22 -0.58
N GLY A 53 22.91 11.66 -0.05
CA GLY A 53 21.91 10.73 0.45
C GLY A 53 22.31 10.01 1.70
N ASN A 54 21.48 9.01 2.01
CA ASN A 54 21.60 8.30 3.27
C ASN A 54 22.67 7.26 3.30
N PRO A 55 23.07 6.84 4.51
CA PRO A 55 24.02 5.73 4.59
C PRO A 55 23.56 4.43 4.04
N GLU A 56 24.48 3.61 3.60
CA GLU A 56 24.18 2.31 2.97
C GLU A 56 24.23 1.27 4.06
N PRO A 57 23.52 0.17 3.86
CA PRO A 57 22.67 -0.13 2.76
C PRO A 57 21.35 0.63 2.79
N ARG A 58 20.93 1.09 1.64
CA ARG A 58 19.76 1.98 1.49
C ARG A 58 18.77 1.52 0.44
N TYR A 59 19.13 0.54 -0.36
CA TYR A 59 18.28 -0.16 -1.32
C TYR A 59 18.57 -1.64 -1.22
N MET A 60 17.49 -2.43 -1.23
CA MET A 60 17.59 -3.86 -1.34
C MET A 60 16.46 -4.46 -2.12
N ALA A 61 16.74 -5.49 -2.91
CA ALA A 61 15.76 -6.14 -3.74
C ALA A 61 15.67 -7.64 -3.46
N PHE A 62 14.49 -8.16 -3.73
CA PHE A 62 14.09 -9.53 -3.37
C PHE A 62 13.13 -9.98 -4.45
N PRO A 63 12.77 -11.29 -4.44
CA PRO A 63 11.96 -11.79 -5.51
C PRO A 63 10.66 -11.04 -5.73
N LEU A 64 10.06 -10.49 -4.71
CA LEU A 64 8.76 -9.79 -4.92
C LEU A 64 8.88 -8.29 -5.03
N GLY A 65 10.07 -7.76 -4.92
CA GLY A 65 10.32 -6.31 -5.12
C GLY A 65 11.43 -5.74 -4.32
N SER A 66 11.37 -4.44 -4.04
CA SER A 66 12.47 -3.72 -3.46
C SER A 66 11.95 -2.77 -2.33
N ILE A 67 12.87 -2.34 -1.52
CA ILE A 67 12.72 -1.33 -0.51
C ILE A 67 13.87 -0.39 -0.53
N ASN A 68 13.57 0.90 -0.34
CA ASN A 68 14.62 1.91 -0.43
C ASN A 68 14.29 3.06 0.50
N SER A 69 15.31 3.60 1.10
CA SER A 69 15.33 4.92 1.73
C SER A 69 16.64 5.57 1.30
N MET A 70 16.70 6.03 0.05
CA MET A 70 17.91 6.50 -0.53
C MET A 70 18.40 7.80 0.09
N GLY A 71 17.49 8.65 0.52
CA GLY A 71 17.84 9.98 0.96
C GLY A 71 17.99 11.01 -0.10
N LEU A 72 17.42 10.77 -1.25
CA LEU A 72 17.45 11.69 -2.41
C LEU A 72 18.91 12.04 -2.82
N PRO A 73 19.80 11.09 -3.01
CA PRO A 73 21.13 11.38 -3.55
C PRO A 73 20.98 11.88 -4.98
N ASN A 74 21.74 12.91 -5.33
CA ASN A 74 21.71 13.38 -6.70
C ASN A 74 22.86 14.38 -6.94
N LEU A 75 23.13 14.63 -8.20
CA LEU A 75 24.26 15.50 -8.53
C LEU A 75 23.95 17.01 -8.53
N GLY A 76 22.74 17.35 -8.16
CA GLY A 76 22.32 18.79 -8.06
C GLY A 76 21.74 19.23 -9.38
N PHE A 77 20.82 20.21 -9.24
CA PHE A 77 20.09 20.77 -10.36
C PHE A 77 20.95 21.25 -11.50
N ASP A 78 22.04 21.95 -11.19
CA ASP A 78 22.79 22.45 -12.24
C ASP A 78 23.31 21.38 -13.18
N PHE A 79 23.71 20.24 -12.64
CA PHE A 79 24.15 19.11 -13.48
C PHE A 79 23.05 18.60 -14.41
N TYR A 80 21.83 18.42 -13.88
CA TYR A 80 20.75 17.88 -14.76
C TYR A 80 20.26 18.91 -15.73
N LEU A 81 20.35 20.19 -15.34
CA LEU A 81 20.01 21.27 -16.32
C LEU A 81 21.00 21.35 -17.48
N LYS A 82 22.30 21.18 -17.21
CA LYS A 82 23.35 21.10 -18.21
C LYS A 82 23.18 19.89 -19.06
N TYR A 83 22.79 18.74 -18.49
CA TYR A 83 22.58 17.57 -19.29
C TYR A 83 21.46 17.89 -20.32
N ALA A 84 20.38 18.47 -19.83
CA ALA A 84 19.21 18.81 -20.67
C ALA A 84 19.58 19.86 -21.74
N SER A 85 20.40 20.82 -21.36
CA SER A 85 20.63 21.98 -22.21
CA SER A 85 20.58 21.97 -22.25
C SER A 85 21.68 21.67 -23.26
N ASP A 86 22.71 20.93 -22.89
CA ASP A 86 23.87 20.77 -23.69
C ASP A 86 24.29 19.36 -24.09
N LEU A 87 23.92 18.35 -23.31
CA LEU A 87 24.47 17.00 -23.52
C LEU A 87 23.47 16.02 -24.18
N HIS A 88 22.19 16.08 -23.79
CA HIS A 88 21.22 15.09 -24.28
C HIS A 88 21.03 15.21 -25.80
N ASP A 89 21.00 14.09 -26.46
CA ASP A 89 20.67 14.04 -27.87
C ASP A 89 19.20 13.75 -28.04
N TYR A 90 18.46 14.82 -28.33
CA TYR A 90 17.04 14.77 -28.45
C TYR A 90 16.64 14.10 -29.76
N SER A 91 17.60 13.77 -30.64
CA SER A 91 17.21 13.00 -31.85
C SER A 91 17.05 11.53 -31.47
N LYS A 92 17.57 11.10 -30.32
CA LYS A 92 17.46 9.72 -29.89
C LYS A 92 16.10 9.42 -29.22
N LYS A 93 15.65 10.25 -28.31
CA LYS A 93 14.44 10.10 -27.59
C LYS A 93 14.21 11.34 -26.75
N PRO A 94 12.96 11.55 -26.34
CA PRO A 94 12.67 12.59 -25.41
C PRO A 94 13.20 12.42 -24.01
N LEU A 95 13.47 13.52 -23.38
CA LEU A 95 13.96 13.62 -21.98
C LEU A 95 12.97 14.27 -21.09
N PHE A 96 12.72 13.65 -19.92
CA PHE A 96 12.05 14.26 -18.77
C PHE A 96 13.14 14.54 -17.76
N LEU A 97 12.92 15.65 -17.01
CA LEU A 97 13.80 16.04 -15.91
C LEU A 97 12.92 16.03 -14.68
N SER A 98 13.27 15.26 -13.64
CA SER A 98 12.49 15.23 -12.43
C SER A 98 13.13 16.15 -11.42
N ILE A 99 12.31 16.94 -10.78
CA ILE A 99 12.82 17.72 -9.67
C ILE A 99 12.08 17.36 -8.39
N SER A 100 12.78 17.43 -7.26
CA SER A 100 12.18 17.05 -6.00
C SER A 100 12.70 17.93 -4.86
N GLY A 101 12.43 19.21 -4.94
CA GLY A 101 12.85 20.15 -3.92
C GLY A 101 12.22 19.85 -2.57
N LEU A 102 12.94 20.18 -1.52
CA LEU A 102 12.52 19.81 -0.17
C LEU A 102 11.70 20.93 0.47
N SER A 103 11.42 21.95 -0.31
CA SER A 103 10.47 23.01 0.05
C SER A 103 9.88 23.62 -1.22
N VAL A 104 8.77 24.32 -1.07
CA VAL A 104 8.20 24.97 -2.24
C VAL A 104 9.18 26.00 -2.81
N GLU A 105 9.92 26.73 -1.95
CA GLU A 105 10.84 27.69 -2.50
C GLU A 105 11.99 27.09 -3.32
N GLU A 106 12.49 25.94 -2.89
CA GLU A 106 13.53 25.22 -3.67
C GLU A 106 12.98 24.79 -5.04
N ASN A 107 11.77 24.25 -5.08
CA ASN A 107 11.16 23.93 -6.38
C ASN A 107 11.05 25.14 -7.33
N VAL A 108 10.53 26.27 -6.78
CA VAL A 108 10.36 27.48 -7.53
C VAL A 108 11.72 27.93 -8.13
N ALA A 109 12.78 27.89 -7.32
CA ALA A 109 14.07 28.32 -7.74
C ALA A 109 14.53 27.52 -8.95
N MET A 110 14.28 26.21 -8.87
CA MET A 110 14.70 25.36 -9.97
C MET A 110 13.87 25.58 -11.21
N VAL A 111 12.56 25.56 -11.06
CA VAL A 111 11.74 25.63 -12.28
C VAL A 111 11.85 26.99 -13.01
N ARG A 112 12.22 28.01 -12.29
CA ARG A 112 12.47 29.29 -12.95
C ARG A 112 13.60 29.21 -13.94
N ARG A 113 14.61 28.45 -13.57
CA ARG A 113 15.74 28.30 -14.40
C ARG A 113 15.60 27.19 -15.42
N LEU A 114 14.76 26.20 -15.15
CA LEU A 114 14.43 25.19 -16.15
C LEU A 114 13.64 25.70 -17.35
N ALA A 115 12.72 26.58 -17.07
CA ALA A 115 11.79 27.11 -18.09
C ALA A 115 12.43 27.41 -19.44
N PRO A 116 13.44 28.27 -19.47
CA PRO A 116 13.96 28.61 -20.85
C PRO A 116 14.57 27.42 -21.59
N VAL A 117 15.12 26.43 -20.84
CA VAL A 117 15.69 25.24 -21.46
C VAL A 117 14.54 24.32 -21.90
N ALA A 118 13.48 24.19 -21.10
CA ALA A 118 12.27 23.52 -21.58
C ALA A 118 11.70 24.10 -22.78
N GLN A 119 11.60 25.43 -22.81
CA GLN A 119 11.10 26.07 -24.00
C GLN A 119 11.96 25.88 -25.20
N GLU A 120 13.28 26.01 -25.12
CA GLU A 120 14.10 25.92 -26.25
C GLU A 120 14.44 24.51 -26.66
N LYS A 121 14.65 23.59 -25.70
CA LYS A 121 15.06 22.21 -26.06
C LYS A 121 13.98 21.12 -25.99
N GLY A 122 12.91 21.41 -25.27
CA GLY A 122 11.75 20.51 -25.21
C GLY A 122 11.87 19.50 -24.04
N VAL A 123 12.86 19.61 -23.12
CA VAL A 123 12.84 18.75 -21.92
C VAL A 123 11.56 18.96 -21.17
N LEU A 124 10.97 17.87 -20.60
CA LEU A 124 9.71 17.87 -19.96
C LEU A 124 9.89 17.67 -18.47
N LEU A 125 9.27 18.54 -17.73
CA LEU A 125 9.34 18.54 -16.27
C LEU A 125 8.42 17.52 -15.63
N GLU A 126 8.98 16.69 -14.72
CA GLU A 126 8.20 15.87 -13.78
C GLU A 126 8.53 16.38 -12.36
N LEU A 127 7.52 16.88 -11.70
CA LEU A 127 7.64 17.38 -10.29
C LEU A 127 7.26 16.30 -9.33
N ASN A 128 8.21 15.94 -8.49
CA ASN A 128 7.92 14.92 -7.49
C ASN A 128 7.18 15.48 -6.31
N LEU A 129 5.95 15.04 -6.08
CA LEU A 129 5.24 15.46 -4.88
C LEU A 129 5.15 14.41 -3.82
N SER A 130 5.67 13.26 -4.14
CA SER A 130 5.89 12.13 -3.07
CA SER A 130 5.87 12.13 -3.12
C SER A 130 7.22 12.19 -2.22
N CYS A 131 7.29 13.40 -1.69
CA CYS A 131 8.47 14.05 -1.25
C CYS A 131 8.19 14.63 0.18
N PRO A 132 9.22 14.47 1.10
CA PRO A 132 9.07 15.25 2.34
C PRO A 132 9.14 16.76 2.16
N ASN A 133 8.45 17.43 3.08
CA ASN A 133 8.45 18.87 3.27
C ASN A 133 8.96 19.07 4.72
N VAL A 134 8.10 19.48 5.63
CA VAL A 134 8.54 19.68 7.01
C VAL A 134 8.56 18.38 7.74
N PRO A 135 9.64 17.98 8.40
CA PRO A 135 9.53 16.73 9.18
C PRO A 135 8.44 16.80 10.27
N GLY A 136 7.67 15.71 10.44
CA GLY A 136 6.48 15.62 11.29
C GLY A 136 5.17 15.97 10.66
N LYS A 137 5.27 16.49 9.42
CA LYS A 137 4.12 16.64 8.59
C LYS A 137 4.19 15.49 7.53
N PRO A 138 3.03 15.23 6.95
CA PRO A 138 3.04 14.18 5.87
C PRO A 138 3.77 14.66 4.69
N GLN A 139 4.16 13.72 3.86
CA GLN A 139 4.75 14.08 2.56
C GLN A 139 3.80 14.98 1.81
N VAL A 140 4.34 15.76 0.87
CA VAL A 140 3.58 16.81 0.20
C VAL A 140 2.23 16.37 -0.34
N ALA A 141 2.23 15.28 -1.08
CA ALA A 141 0.99 14.86 -1.74
C ALA A 141 -0.01 14.18 -0.77
N TYR A 142 0.40 13.97 0.45
CA TYR A 142 -0.54 13.53 1.48
C TYR A 142 -0.96 14.71 2.33
N ASP A 143 -0.58 15.94 1.99
CA ASP A 143 -1.02 17.16 2.65
C ASP A 143 -1.63 18.05 1.56
N PHE A 144 -2.96 17.99 1.39
CA PHE A 144 -3.59 18.62 0.22
C PHE A 144 -3.43 20.08 0.16
N GLU A 145 -3.37 20.71 1.32
CA GLU A 145 -3.08 22.15 1.30
C GLU A 145 -1.66 22.47 0.82
N ALA A 146 -0.68 21.66 1.24
CA ALA A 146 0.69 21.84 0.74
C ALA A 146 0.76 21.56 -0.74
N MET A 147 0.07 20.48 -1.18
CA MET A 147 0.11 20.11 -2.55
C MET A 147 -0.39 21.26 -3.41
N ARG A 148 -1.49 21.87 -3.01
CA ARG A 148 -2.05 23.00 -3.77
C ARG A 148 -1.08 24.16 -3.84
N THR A 149 -0.44 24.48 -2.72
CA THR A 149 0.54 25.54 -2.66
C THR A 149 1.70 25.24 -3.61
N TYR A 150 2.18 24.01 -3.58
CA TYR A 150 3.29 23.69 -4.49
C TYR A 150 2.90 23.89 -5.95
N LEU A 151 1.73 23.40 -6.35
CA LEU A 151 1.23 23.50 -7.70
C LEU A 151 0.95 24.94 -8.18
N GLN A 152 0.38 25.74 -7.24
CA GLN A 152 0.20 27.14 -7.56
C GLN A 152 1.51 27.85 -7.78
N GLN A 153 2.49 27.59 -6.93
CA GLN A 153 3.75 28.32 -7.06
C GLN A 153 4.61 27.88 -8.22
N VAL A 154 4.60 26.53 -8.49
CA VAL A 154 5.35 26.04 -9.59
C VAL A 154 4.66 26.44 -10.91
N SER A 155 3.34 26.41 -10.97
CA SER A 155 2.64 26.85 -12.18
C SER A 155 2.99 28.30 -12.58
N LEU A 156 2.97 29.17 -11.55
CA LEU A 156 3.30 30.59 -11.75
C LEU A 156 4.76 30.77 -12.17
N ALA A 157 5.67 30.06 -11.52
CA ALA A 157 7.12 30.15 -11.77
C ALA A 157 7.58 29.58 -13.05
N TYR A 158 6.91 28.52 -13.53
CA TYR A 158 7.39 27.78 -14.66
C TYR A 158 6.66 28.25 -15.90
N GLY A 159 5.33 28.23 -15.83
CA GLY A 159 4.54 28.77 -16.93
C GLY A 159 4.43 27.94 -18.19
N LEU A 160 4.79 26.65 -18.11
CA LEU A 160 4.78 25.74 -19.25
C LEU A 160 4.15 24.42 -18.76
N PRO A 161 3.75 23.60 -19.69
CA PRO A 161 3.16 22.29 -19.32
C PRO A 161 4.21 21.48 -18.54
N PHE A 162 3.73 20.75 -17.54
CA PHE A 162 4.59 19.88 -16.72
C PHE A 162 3.74 18.70 -16.25
N GLY A 163 4.40 17.78 -15.57
CA GLY A 163 3.65 16.68 -14.88
C GLY A 163 4.13 16.52 -13.47
N VAL A 164 3.39 15.66 -12.77
CA VAL A 164 3.58 15.41 -11.39
C VAL A 164 3.72 13.92 -11.08
N LYS A 165 4.61 13.57 -10.17
CA LYS A 165 4.82 12.18 -9.70
C LYS A 165 4.07 12.08 -8.39
N MET A 166 3.07 11.19 -8.29
CA MET A 166 2.21 11.03 -7.14
C MET A 166 2.53 9.82 -6.34
N PRO A 167 2.34 9.88 -5.01
CA PRO A 167 2.33 8.70 -4.20
C PRO A 167 1.05 7.93 -4.44
N PRO A 168 1.00 6.66 -4.07
CA PRO A 168 -0.26 5.93 -4.11
C PRO A 168 -1.18 6.43 -2.99
N TYR A 169 -2.46 6.41 -3.29
CA TYR A 169 -3.51 6.53 -2.29
C TYR A 169 -4.31 5.25 -2.15
N PHE A 170 -5.00 5.12 -1.03
CA PHE A 170 -5.64 3.89 -0.59
C PHE A 170 -7.14 4.03 -0.22
N ASP A 171 -7.63 5.26 -0.34
CA ASP A 171 -8.96 5.62 0.17
C ASP A 171 -9.56 6.41 -1.03
N ILE A 172 -10.77 6.01 -1.38
CA ILE A 172 -11.58 6.71 -2.45
C ILE A 172 -11.65 8.20 -2.20
N ALA A 173 -11.82 8.63 -0.93
CA ALA A 173 -11.94 10.05 -0.66
C ALA A 173 -10.70 10.77 -1.06
N HIS A 174 -9.53 10.13 -0.86
CA HIS A 174 -8.27 10.68 -1.28
C HIS A 174 -8.09 10.76 -2.78
N PHE A 175 -8.52 9.73 -3.52
CA PHE A 175 -8.51 9.80 -4.97
C PHE A 175 -9.32 11.04 -5.36
N ASP A 176 -10.53 11.19 -4.78
CA ASP A 176 -11.40 12.26 -5.21
C ASP A 176 -10.74 13.65 -4.95
N THR A 177 -10.22 13.81 -3.77
CA THR A 177 -9.63 15.11 -3.33
C THR A 177 -8.38 15.40 -4.13
N ALA A 178 -7.51 14.37 -4.28
CA ALA A 178 -6.30 14.58 -4.97
C ALA A 178 -6.53 14.99 -6.39
N ALA A 179 -7.42 14.25 -7.07
CA ALA A 179 -7.65 14.60 -8.48
C ALA A 179 -8.31 15.94 -8.62
N ALA A 180 -9.14 16.34 -7.68
CA ALA A 180 -9.73 17.66 -7.75
C ALA A 180 -8.63 18.74 -7.59
N VAL A 181 -7.67 18.52 -6.71
CA VAL A 181 -6.55 19.47 -6.59
C VAL A 181 -5.85 19.56 -7.95
N LEU A 182 -5.42 18.41 -8.51
CA LEU A 182 -4.75 18.47 -9.80
C LEU A 182 -5.51 19.17 -10.90
N ASN A 183 -6.80 18.92 -10.95
CA ASN A 183 -7.61 19.50 -11.99
C ASN A 183 -7.81 21.05 -11.82
N GLU A 184 -7.37 21.57 -10.72
CA GLU A 184 -7.25 23.06 -10.60
C GLU A 184 -6.17 23.69 -11.46
N PHE A 185 -5.19 22.89 -11.94
CA PHE A 185 -3.97 23.38 -12.58
C PHE A 185 -3.89 22.94 -13.97
N PRO A 186 -4.31 23.74 -14.92
CA PRO A 186 -4.26 23.39 -16.30
C PRO A 186 -2.85 23.04 -16.90
N LEU A 187 -1.80 23.59 -16.29
CA LEU A 187 -0.51 23.29 -16.79
C LEU A 187 -0.03 21.87 -16.42
N VAL A 188 -0.75 21.25 -15.47
CA VAL A 188 -0.39 19.84 -15.13
C VAL A 188 -1.01 18.94 -16.25
N LYS A 189 -0.17 18.53 -17.18
CA LYS A 189 -0.57 17.81 -18.33
C LYS A 189 -0.44 16.32 -18.20
N PHE A 190 0.38 15.84 -17.30
CA PHE A 190 0.50 14.41 -17.06
C PHE A 190 0.65 14.17 -15.55
N VAL A 191 0.17 12.97 -15.14
CA VAL A 191 0.17 12.55 -13.76
C VAL A 191 0.81 11.12 -13.77
N THR A 192 1.92 10.97 -13.07
CA THR A 192 2.61 9.68 -12.97
C THR A 192 2.24 9.02 -11.64
N CYS A 193 1.55 7.88 -11.80
CA CYS A 193 1.06 7.06 -10.74
C CYS A 193 1.69 5.70 -10.84
N VAL A 194 2.61 5.28 -9.94
CA VAL A 194 2.85 5.83 -8.61
C VAL A 194 4.29 5.76 -8.22
N ASN A 195 4.64 6.61 -7.26
CA ASN A 195 5.85 6.50 -6.46
C ASN A 195 5.73 5.27 -5.50
N SER A 196 6.76 5.03 -4.66
CA SER A 196 6.71 3.86 -3.83
C SER A 196 5.58 3.83 -2.89
N VAL A 197 5.22 2.60 -2.52
CA VAL A 197 4.32 2.40 -1.42
C VAL A 197 5.14 2.68 -0.11
N GLY A 198 4.81 3.73 0.55
CA GLY A 198 5.64 4.29 1.57
C GLY A 198 5.78 3.47 2.84
N ASN A 199 6.98 3.59 3.38
CA ASN A 199 7.25 3.13 4.73
C ASN A 199 6.83 1.71 5.05
N GLY A 200 7.19 0.81 4.18
CA GLY A 200 7.14 -0.62 4.45
C GLY A 200 8.34 -1.06 5.23
N LEU A 201 8.38 -2.34 5.63
CA LEU A 201 9.48 -2.83 6.48
C LEU A 201 9.77 -4.27 6.05
N VAL A 202 10.96 -4.49 5.48
CA VAL A 202 11.39 -5.87 5.16
C VAL A 202 12.35 -6.32 6.30
N ILE A 203 12.12 -7.53 6.72
CA ILE A 203 12.88 -8.17 7.82
C ILE A 203 13.40 -9.50 7.31
N ASP A 204 14.67 -9.73 7.51
CA ASP A 204 15.32 -10.97 7.14
C ASP A 204 15.23 -12.01 8.29
N ALA A 205 14.63 -13.15 8.09
CA ALA A 205 14.42 -14.07 9.16
C ALA A 205 15.69 -14.67 9.73
N GLU A 206 16.67 -14.93 8.90
CA GLU A 206 17.86 -15.58 9.39
C GLU A 206 18.61 -14.68 10.35
N SER A 207 18.80 -13.43 9.94
CA SER A 207 19.53 -12.50 10.73
C SER A 207 18.71 -11.72 11.74
N GLU A 208 17.42 -11.83 11.62
CA GLU A 208 16.45 -11.17 12.54
C GLU A 208 16.58 -9.66 12.47
N SER A 209 17.01 -9.18 11.31
CA SER A 209 17.35 -7.78 11.12
C SER A 209 16.59 -7.20 9.95
N VAL A 210 16.31 -5.91 10.07
CA VAL A 210 15.94 -5.13 8.92
C VAL A 210 17.07 -5.15 7.88
N VAL A 211 16.76 -4.72 6.66
CA VAL A 211 17.70 -4.89 5.55
C VAL A 211 18.26 -3.60 5.04
N ILE A 212 17.70 -2.47 5.45
CA ILE A 212 18.33 -1.18 5.13
C ILE A 212 18.57 -0.43 6.43
N LYS A 213 19.55 0.44 6.37
CA LYS A 213 20.06 1.17 7.49
C LYS A 213 19.25 2.40 7.88
N PRO A 214 18.85 3.25 6.95
CA PRO A 214 18.13 4.42 7.39
C PRO A 214 16.77 4.09 7.93
N LYS A 215 16.22 5.01 8.72
CA LYS A 215 14.83 4.97 9.17
C LYS A 215 14.48 3.68 9.88
N GLN A 216 15.45 3.06 10.59
CA GLN A 216 15.21 1.80 11.34
C GLN A 216 14.67 0.73 10.44
N GLY A 217 15.06 0.75 9.17
CA GLY A 217 14.64 -0.27 8.19
C GLY A 217 13.41 0.10 7.36
N PHE A 218 12.71 1.19 7.65
CA PHE A 218 11.45 1.52 6.92
C PHE A 218 11.88 2.15 5.63
N GLY A 219 11.17 1.84 4.58
CA GLY A 219 11.45 2.47 3.28
C GLY A 219 10.35 2.20 2.31
N GLY A 220 10.48 2.81 1.14
CA GLY A 220 9.41 2.68 0.16
C GLY A 220 9.55 1.43 -0.66
N LEU A 221 8.40 0.83 -0.94
CA LEU A 221 8.30 -0.45 -1.61
C LEU A 221 8.03 -0.30 -3.08
N GLY A 222 8.71 -1.05 -3.88
CA GLY A 222 8.45 -1.17 -5.33
C GLY A 222 8.36 -2.59 -5.73
N GLY A 223 8.03 -2.80 -6.98
CA GLY A 223 8.06 -4.09 -7.58
C GLY A 223 6.75 -4.86 -7.51
N LYS A 224 6.82 -6.18 -7.45
CA LYS A 224 5.63 -7.05 -7.53
C LYS A 224 4.68 -6.80 -6.41
N TYR A 225 5.15 -6.42 -5.22
CA TYR A 225 4.26 -6.02 -4.12
C TYR A 225 3.17 -4.96 -4.52
N ILE A 226 3.50 -4.06 -5.44
CA ILE A 226 2.71 -2.86 -5.60
C ILE A 226 1.91 -2.77 -6.91
N LEU A 227 1.90 -3.80 -7.73
CA LEU A 227 1.28 -3.67 -9.06
C LEU A 227 -0.22 -3.40 -8.93
N PRO A 228 -1.00 -4.15 -8.09
CA PRO A 228 -2.43 -3.78 -8.03
C PRO A 228 -2.71 -2.41 -7.46
N THR A 229 -1.83 -1.92 -6.54
CA THR A 229 -1.92 -0.58 -5.99
C THR A 229 -1.69 0.44 -7.15
N ALA A 230 -0.63 0.15 -7.93
CA ALA A 230 -0.30 1.02 -9.08
C ALA A 230 -1.42 1.10 -10.08
N LEU A 231 -1.99 -0.05 -10.42
CA LEU A 231 -3.03 -0.08 -11.41
C LEU A 231 -4.22 0.73 -10.89
N ALA A 232 -4.61 0.57 -9.64
CA ALA A 232 -5.77 1.26 -9.06
C ALA A 232 -5.55 2.78 -9.20
N ASN A 233 -4.36 3.22 -8.89
CA ASN A 233 -4.07 4.66 -8.94
C ASN A 233 -4.13 5.15 -10.35
N VAL A 234 -3.47 4.44 -11.27
CA VAL A 234 -3.53 4.85 -12.72
C VAL A 234 -5.00 4.97 -13.09
N ASN A 235 -5.81 3.95 -12.83
CA ASN A 235 -7.20 3.98 -13.30
C ASN A 235 -8.01 5.06 -12.59
N ALA A 236 -7.77 5.28 -11.28
CA ALA A 236 -8.51 6.28 -10.50
C ALA A 236 -8.24 7.66 -11.08
N PHE A 237 -7.00 7.98 -11.43
CA PHE A 237 -6.67 9.31 -11.96
C PHE A 237 -7.06 9.39 -13.40
N TYR A 238 -7.02 8.27 -14.13
CA TYR A 238 -7.43 8.25 -15.56
C TYR A 238 -8.91 8.64 -15.66
N ARG A 239 -9.70 8.08 -14.75
CA ARG A 239 -11.16 8.36 -14.68
C ARG A 239 -11.41 9.78 -14.20
N ARG A 240 -10.65 10.30 -13.28
CA ARG A 240 -10.91 11.60 -12.64
C ARG A 240 -10.26 12.78 -13.33
N CYS A 241 -9.30 12.53 -14.21
CA CYS A 241 -8.62 13.62 -14.90
C CYS A 241 -8.67 13.48 -16.33
N PRO A 242 -9.86 13.73 -16.93
CA PRO A 242 -10.04 13.38 -18.32
C PRO A 242 -9.27 14.29 -19.29
N ASP A 243 -8.85 15.44 -18.85
CA ASP A 243 -8.05 16.34 -19.67
C ASP A 243 -6.56 16.24 -19.46
N LYS A 244 -6.08 15.23 -18.70
CA LYS A 244 -4.67 15.03 -18.47
C LYS A 244 -4.29 13.64 -18.97
N LEU A 245 -3.00 13.45 -19.21
CA LEU A 245 -2.41 12.12 -19.36
C LEU A 245 -2.05 11.50 -18.00
N VAL A 246 -2.08 10.17 -17.98
CA VAL A 246 -1.59 9.41 -16.86
C VAL A 246 -0.45 8.53 -17.35
N PHE A 247 0.61 8.54 -16.57
CA PHE A 247 1.72 7.68 -16.85
C PHE A 247 1.70 6.63 -15.72
N GLY A 248 1.93 5.40 -16.07
CA GLY A 248 1.90 4.34 -15.10
C GLY A 248 3.29 3.93 -14.62
N CYS A 249 3.42 3.73 -13.32
CA CYS A 249 4.70 3.28 -12.74
C CYS A 249 4.33 2.36 -11.59
N GLY A 250 4.88 1.15 -11.54
CA GLY A 250 4.80 0.29 -10.33
C GLY A 250 4.59 -1.12 -10.77
N GLY A 251 5.54 -1.98 -10.41
CA GLY A 251 5.32 -3.38 -10.63
C GLY A 251 5.44 -3.90 -12.02
N VAL A 252 6.05 -3.14 -12.92
CA VAL A 252 6.22 -3.65 -14.30
C VAL A 252 7.46 -4.49 -14.40
N TYR A 253 7.26 -5.79 -14.67
CA TYR A 253 8.34 -6.71 -15.00
C TYR A 253 8.18 -7.33 -16.41
N SER A 254 7.06 -7.19 -17.03
CA SER A 254 6.78 -7.93 -18.26
C SER A 254 5.92 -7.09 -19.15
N GLY A 255 5.81 -7.53 -20.39
CA GLY A 255 4.88 -6.86 -21.32
C GLY A 255 3.45 -7.01 -20.88
N GLU A 256 3.13 -8.11 -20.22
CA GLU A 256 1.81 -8.26 -19.67
C GLU A 256 1.48 -7.23 -18.62
N ASP A 257 2.43 -6.99 -17.71
CA ASP A 257 2.20 -6.00 -16.69
C ASP A 257 2.02 -4.59 -17.33
N ALA A 258 2.78 -4.28 -18.39
CA ALA A 258 2.61 -3.07 -19.13
C ALA A 258 1.26 -2.96 -19.80
N PHE A 259 0.82 -4.06 -20.38
CA PHE A 259 -0.51 -4.12 -20.99
C PHE A 259 -1.58 -3.78 -19.95
N LEU A 260 -1.48 -4.33 -18.74
CA LEU A 260 -2.46 -3.99 -17.69
C LEU A 260 -2.46 -2.51 -17.34
N HIS A 261 -1.24 -1.93 -17.16
CA HIS A 261 -1.13 -0.51 -16.99
C HIS A 261 -1.81 0.29 -18.07
N ILE A 262 -1.62 -0.13 -19.31
CA ILE A 262 -2.16 0.60 -20.42
C ILE A 262 -3.72 0.44 -20.45
N LEU A 263 -4.22 -0.74 -20.21
CA LEU A 263 -5.67 -0.97 -20.08
C LEU A 263 -6.27 -0.11 -18.99
N ALA A 264 -5.55 0.13 -17.89
CA ALA A 264 -5.96 0.98 -16.82
C ALA A 264 -5.97 2.46 -17.16
N GLY A 265 -5.26 2.84 -18.20
CA GLY A 265 -5.19 4.23 -18.62
C GLY A 265 -3.82 4.84 -18.92
N ALA A 266 -2.78 4.05 -18.67
CA ALA A 266 -1.44 4.57 -18.87
C ALA A 266 -1.08 4.94 -20.32
N SER A 267 -0.35 6.05 -20.46
CA SER A 267 0.26 6.43 -21.72
C SER A 267 1.71 5.95 -21.68
N MET A 268 2.57 6.67 -21.04
CA MET A 268 3.89 6.16 -20.78
C MET A 268 3.83 5.11 -19.64
N VAL A 269 4.78 4.17 -19.65
CA VAL A 269 4.94 3.15 -18.65
C VAL A 269 6.38 3.18 -18.21
N GLN A 270 6.52 3.46 -16.91
CA GLN A 270 7.86 3.57 -16.31
C GLN A 270 8.22 2.25 -15.56
N VAL A 271 9.51 2.00 -15.52
CA VAL A 271 10.09 0.78 -14.98
C VAL A 271 11.17 1.11 -13.96
N GLY A 272 10.93 0.75 -12.67
CA GLY A 272 11.88 1.04 -11.59
C GLY A 272 12.60 -0.24 -11.19
N THR A 273 12.06 -0.91 -10.16
CA THR A 273 12.71 -2.10 -9.60
C THR A 273 13.19 -3.10 -10.65
N ALA A 274 12.35 -3.41 -11.58
CA ALA A 274 12.71 -4.43 -12.56
C ALA A 274 13.88 -4.01 -13.42
N LEU A 275 13.98 -2.72 -13.75
CA LEU A 275 15.07 -2.20 -14.46
C LEU A 275 16.33 -2.17 -13.59
N GLN A 276 16.22 -1.76 -12.38
CA GLN A 276 17.34 -1.82 -11.41
C GLN A 276 17.92 -3.23 -11.32
N GLU A 277 17.10 -4.25 -11.35
CA GLU A 277 17.48 -5.63 -11.17
C GLU A 277 18.01 -6.25 -12.48
N GLU A 278 17.39 -6.00 -13.64
CA GLU A 278 17.67 -6.64 -14.87
C GLU A 278 18.60 -5.83 -15.78
N GLY A 279 18.62 -4.52 -15.65
CA GLY A 279 19.35 -3.65 -16.48
C GLY A 279 18.61 -3.31 -17.76
N PRO A 280 19.19 -2.45 -18.58
CA PRO A 280 18.50 -1.80 -19.69
C PRO A 280 18.08 -2.73 -20.82
N GLY A 281 18.64 -3.92 -20.87
CA GLY A 281 18.09 -4.93 -21.78
C GLY A 281 16.66 -5.21 -21.55
N ILE A 282 16.12 -4.92 -20.36
CA ILE A 282 14.69 -5.16 -20.12
C ILE A 282 13.84 -4.52 -21.21
N PHE A 283 14.23 -3.36 -21.71
CA PHE A 283 13.33 -2.68 -22.62
C PHE A 283 13.07 -3.45 -23.91
N THR A 284 14.02 -4.18 -24.46
CA THR A 284 13.74 -4.91 -25.72
C THR A 284 12.81 -6.04 -25.34
N ARG A 285 12.98 -6.67 -24.21
CA ARG A 285 12.06 -7.71 -23.77
C ARG A 285 10.64 -7.23 -23.57
N LEU A 286 10.46 -6.11 -22.87
CA LEU A 286 9.15 -5.57 -22.63
C LEU A 286 8.44 -5.22 -23.95
N GLU A 287 9.17 -4.64 -24.87
CA GLU A 287 8.63 -4.32 -26.19
C GLU A 287 8.18 -5.54 -26.94
N ASP A 288 9.01 -6.53 -26.99
CA ASP A 288 8.65 -7.80 -27.65
C ASP A 288 7.43 -8.43 -27.00
N GLU A 289 7.42 -8.45 -25.69
CA GLU A 289 6.35 -9.10 -24.94
C GLU A 289 5.01 -8.35 -25.18
N LEU A 290 5.04 -7.04 -25.17
CA LEU A 290 3.83 -6.30 -25.34
C LEU A 290 3.32 -6.53 -26.80
N LEU A 291 4.22 -6.44 -27.75
CA LEU A 291 3.86 -6.66 -29.16
C LEU A 291 3.25 -8.04 -29.30
N GLU A 292 3.75 -9.06 -28.62
CA GLU A 292 3.21 -10.41 -28.78
C GLU A 292 1.77 -10.49 -28.25
N ILE A 293 1.46 -9.77 -27.16
CA ILE A 293 0.11 -9.77 -26.60
C ILE A 293 -0.82 -9.03 -27.54
N MET A 294 -0.34 -7.90 -28.09
CA MET A 294 -1.11 -7.17 -29.05
C MET A 294 -1.40 -8.07 -30.27
N ALA A 295 -0.41 -8.79 -30.76
CA ALA A 295 -0.62 -9.61 -32.00
C ALA A 295 -1.68 -10.65 -31.73
N ARG A 296 -1.64 -11.29 -30.58
CA ARG A 296 -2.57 -12.37 -30.23
C ARG A 296 -3.97 -11.84 -30.17
N LYS A 297 -4.12 -10.62 -29.74
CA LYS A 297 -5.41 -9.97 -29.53
C LYS A 297 -5.92 -9.18 -30.73
N GLY A 298 -5.09 -9.08 -31.73
CA GLY A 298 -5.42 -8.25 -32.90
C GLY A 298 -5.36 -6.76 -32.72
N TYR A 299 -4.66 -6.24 -31.72
CA TYR A 299 -4.51 -4.80 -31.55
C TYR A 299 -3.29 -4.29 -32.31
N ARG A 300 -3.54 -3.23 -33.06
CA ARG A 300 -2.52 -2.69 -33.90
C ARG A 300 -1.80 -1.48 -33.28
N THR A 301 -2.45 -0.77 -32.35
CA THR A 301 -1.89 0.37 -31.72
C THR A 301 -2.32 0.39 -30.25
N LEU A 302 -1.60 1.20 -29.46
CA LEU A 302 -1.88 1.32 -28.06
C LEU A 302 -3.21 2.00 -27.75
N GLU A 303 -3.65 2.96 -28.60
CA GLU A 303 -4.87 3.62 -28.37
C GLU A 303 -6.09 2.71 -28.51
N GLU A 304 -5.93 1.61 -29.22
CA GLU A 304 -7.02 0.67 -29.36
C GLU A 304 -7.43 0.10 -28.01
N PHE A 305 -6.54 0.07 -27.03
CA PHE A 305 -6.91 -0.56 -25.76
C PHE A 305 -6.63 0.32 -24.52
N ARG A 306 -6.00 1.49 -24.69
CA ARG A 306 -5.64 2.26 -23.57
C ARG A 306 -6.92 2.71 -22.84
N GLY A 307 -6.97 2.50 -21.54
CA GLY A 307 -8.11 2.89 -20.73
C GLY A 307 -9.36 2.05 -20.93
N ARG A 308 -9.23 0.96 -21.65
CA ARG A 308 -10.39 0.15 -22.03
CA ARG A 308 -10.39 0.16 -22.05
C ARG A 308 -10.61 -1.06 -21.11
N VAL A 309 -10.01 -1.03 -19.92
CA VAL A 309 -10.31 -2.07 -18.92
C VAL A 309 -11.84 -2.18 -18.80
N LYS A 310 -12.30 -3.43 -18.77
CA LYS A 310 -13.72 -3.71 -18.61
C LYS A 310 -14.08 -3.86 -17.15
N THR A 311 -15.22 -3.38 -16.78
CA THR A 311 -15.80 -3.66 -15.48
C THR A 311 -16.92 -4.72 -15.64
N ILE A 312 -17.35 -5.26 -14.51
CA ILE A 312 -18.37 -6.34 -14.48
C ILE A 312 -19.72 -5.72 -14.24
N GLU A 313 -20.65 -5.96 -15.20
CA GLU A 313 -22.15 -5.77 -15.01
C GLU A 313 -22.67 -4.57 -14.23
N MET B 1 8.08 -28.77 24.39
CA MET B 1 8.05 -27.37 23.78
C MET B 1 6.68 -26.93 23.18
N CYS B 2 6.12 -25.85 23.72
CA CYS B 2 4.76 -25.45 23.30
C CYS B 2 4.72 -23.95 23.21
N LEU B 3 3.73 -23.42 22.42
CA LEU B 3 3.60 -21.99 21.98
C LEU B 3 2.54 -21.30 22.83
N LYS B 4 2.14 -21.85 24.05
CA LYS B 4 1.01 -21.33 24.86
C LYS B 4 1.48 -19.97 25.40
N LEU B 5 0.57 -19.00 25.42
CA LEU B 5 0.73 -17.67 26.00
C LEU B 5 -0.50 -17.08 26.72
N ASN B 6 -0.34 -16.06 27.55
CA ASN B 6 -1.34 -15.36 28.33
C ASN B 6 -1.29 -13.97 27.95
N LEU B 7 -2.45 -13.40 27.55
CA LEU B 7 -2.69 -11.98 27.19
C LEU B 7 -4.09 -11.59 27.55
N LEU B 8 -4.31 -10.38 27.96
CA LEU B 8 -5.59 -9.85 28.15
C LEU B 8 -6.41 -10.71 29.19
N ASP B 9 -5.71 -11.29 30.13
CA ASP B 9 -6.32 -12.16 31.16
C ASP B 9 -6.97 -13.41 30.59
N HIS B 10 -6.50 -13.79 29.41
CA HIS B 10 -6.85 -15.08 28.85
C HIS B 10 -5.61 -15.89 28.52
N VAL B 11 -5.78 -17.19 28.46
CA VAL B 11 -4.73 -18.13 28.07
C VAL B 11 -5.00 -18.57 26.61
N PHE B 12 -3.91 -18.64 25.84
CA PHE B 12 -3.98 -19.03 24.41
C PHE B 12 -2.98 -20.17 24.17
N ALA B 13 -3.38 -21.18 23.43
CA ALA B 13 -2.54 -22.40 23.16
C ALA B 13 -1.39 -22.02 22.25
N ASN B 14 -1.63 -20.94 21.49
CA ASN B 14 -0.65 -20.49 20.47
C ASN B 14 -1.13 -19.13 19.99
N PRO B 15 -0.25 -18.38 19.28
CA PRO B 15 -0.58 -17.00 18.96
C PRO B 15 -1.50 -16.89 17.69
N PHE B 16 -1.91 -17.97 17.05
CA PHE B 16 -2.62 -17.92 15.78
C PHE B 16 -4.09 -17.75 15.93
N MET B 17 -4.71 -16.99 15.04
CA MET B 17 -6.15 -16.95 14.89
C MET B 17 -6.49 -16.56 13.50
N ASN B 18 -7.79 -16.65 13.15
CA ASN B 18 -8.24 -16.14 11.88
C ASN B 18 -8.22 -14.60 11.98
N ALA B 19 -8.11 -14.01 10.79
CA ALA B 19 -8.41 -12.61 10.55
C ALA B 19 -9.92 -12.39 10.41
N ALA B 20 -10.41 -11.29 11.03
CA ALA B 20 -11.81 -11.01 10.92
C ALA B 20 -12.22 -11.05 9.46
N GLY B 21 -13.39 -11.59 9.22
CA GLY B 21 -13.94 -11.75 7.86
C GLY B 21 -13.71 -13.08 7.20
N VAL B 22 -12.67 -13.81 7.62
CA VAL B 22 -12.37 -15.09 7.03
C VAL B 22 -12.77 -16.23 7.95
N LEU B 23 -13.59 -17.12 7.43
CA LEU B 23 -14.04 -18.33 8.12
C LEU B 23 -14.73 -18.02 9.46
N CYS B 24 -15.59 -17.02 9.45
CA CYS B 24 -16.17 -16.59 10.69
C CYS B 24 -17.55 -15.95 10.65
N SER B 25 -18.24 -16.16 9.56
CA SER B 25 -19.49 -15.46 9.35
C SER B 25 -20.73 -16.18 9.88
N THR B 26 -20.74 -17.47 9.73
CA THR B 26 -21.84 -18.28 10.09
C THR B 26 -21.55 -19.12 11.33
N GLU B 27 -22.60 -19.73 11.97
CA GLU B 27 -22.34 -20.61 13.05
C GLU B 27 -21.43 -21.78 12.63
N GLU B 28 -21.70 -22.30 11.46
CA GLU B 28 -20.83 -23.36 10.89
C GLU B 28 -19.39 -22.90 10.84
N ASP B 29 -19.13 -21.70 10.35
CA ASP B 29 -17.74 -21.19 10.25
C ASP B 29 -17.12 -21.10 11.64
N LEU B 30 -17.87 -20.58 12.62
CA LEU B 30 -17.32 -20.36 13.95
C LEU B 30 -17.03 -21.66 14.66
N ARG B 31 -17.90 -22.67 14.41
CA ARG B 31 -17.66 -24.00 14.93
CA ARG B 31 -17.67 -24.01 14.93
C ARG B 31 -16.42 -24.64 14.31
N CYS B 32 -16.20 -24.39 13.00
CA CYS B 32 -15.04 -24.90 12.30
C CYS B 32 -13.80 -24.20 12.88
N MET B 33 -13.75 -22.90 13.01
CA MET B 33 -12.61 -22.25 13.65
C MET B 33 -12.40 -22.74 15.06
N THR B 34 -13.48 -23.02 15.80
CA THR B 34 -13.27 -23.49 17.16
C THR B 34 -12.65 -24.86 17.18
N ALA B 35 -13.03 -25.71 16.25
CA ALA B 35 -12.47 -27.07 16.17
C ALA B 35 -11.05 -27.12 15.65
N SER B 36 -10.61 -26.07 14.98
CA SER B 36 -9.25 -25.99 14.50
C SER B 36 -8.20 -25.93 15.60
N SER B 37 -6.95 -25.98 15.20
CA SER B 37 -5.83 -25.82 16.11
C SER B 37 -5.50 -24.38 16.41
N SER B 38 -6.26 -23.39 15.93
CA SER B 38 -5.93 -22.02 16.27
C SER B 38 -5.99 -21.75 17.75
N GLY B 39 -5.22 -20.76 18.20
CA GLY B 39 -5.25 -20.35 19.57
C GLY B 39 -6.44 -19.52 19.94
N ALA B 40 -7.10 -18.92 18.96
CA ALA B 40 -8.27 -18.06 19.20
C ALA B 40 -9.07 -17.97 17.92
N LEU B 41 -10.22 -17.30 17.99
CA LEU B 41 -10.95 -16.98 16.78
C LEU B 41 -11.57 -15.65 16.92
N VAL B 42 -11.89 -14.98 15.83
CA VAL B 42 -12.62 -13.72 15.87
C VAL B 42 -13.80 -13.86 14.90
N SER B 43 -14.93 -13.28 15.28
CA SER B 43 -16.14 -13.32 14.45
C SER B 43 -16.11 -12.26 13.39
N LYS B 44 -16.94 -12.42 12.35
CA LYS B 44 -17.04 -11.47 11.20
C LYS B 44 -17.47 -10.12 11.75
N SER B 45 -16.86 -9.07 11.26
CA SER B 45 -17.35 -7.73 11.64
C SER B 45 -18.82 -7.61 11.42
N CYS B 46 -19.50 -7.09 12.45
CA CYS B 46 -20.96 -7.01 12.34
C CYS B 46 -21.49 -5.59 12.44
N THR B 47 -22.73 -5.53 12.00
CA THR B 47 -23.55 -4.35 12.04
C THR B 47 -24.74 -4.66 12.90
N SER B 48 -25.54 -3.63 13.24
CA SER B 48 -26.72 -3.91 14.04
C SER B 48 -27.71 -4.79 13.36
N ALA B 49 -27.95 -4.52 12.07
CA ALA B 49 -28.83 -5.38 11.27
C ALA B 49 -28.01 -6.27 10.34
N PRO B 50 -28.57 -7.41 9.91
CA PRO B 50 -27.94 -8.22 8.89
C PRO B 50 -27.69 -7.46 7.63
N ARG B 51 -26.64 -7.87 6.92
CA ARG B 51 -26.30 -7.33 5.60
C ARG B 51 -25.99 -8.46 4.61
N ASP B 52 -26.53 -8.32 3.41
CA ASP B 52 -26.20 -9.15 2.29
C ASP B 52 -24.80 -8.90 1.70
N GLY B 53 -24.34 -7.69 1.82
CA GLY B 53 -23.12 -7.30 1.19
C GLY B 53 -23.28 -7.02 -0.29
N ASN B 54 -22.15 -6.95 -0.94
CA ASN B 54 -22.08 -6.53 -2.34
C ASN B 54 -22.35 -7.67 -3.28
N PRO B 55 -22.65 -7.35 -4.54
CA PRO B 55 -22.85 -8.41 -5.54
C PRO B 55 -21.57 -9.22 -5.78
N GLU B 56 -21.71 -10.48 -6.20
CA GLU B 56 -20.59 -11.38 -6.49
C GLU B 56 -20.26 -11.24 -7.98
N PRO B 57 -19.00 -11.44 -8.39
CA PRO B 57 -17.92 -11.87 -7.52
C PRO B 57 -17.35 -10.71 -6.74
N ARG B 58 -17.02 -10.96 -5.49
CA ARG B 58 -16.59 -9.93 -4.56
C ARG B 58 -15.25 -10.25 -3.81
N TYR B 59 -14.74 -11.45 -4.02
CA TYR B 59 -13.48 -11.92 -3.51
C TYR B 59 -12.81 -12.71 -4.62
N MET B 60 -11.49 -12.50 -4.87
CA MET B 60 -10.69 -13.32 -5.67
C MET B 60 -9.33 -13.43 -5.18
N ALA B 61 -8.73 -14.57 -5.35
CA ALA B 61 -7.40 -14.84 -4.93
C ALA B 61 -6.51 -15.34 -6.02
N PHE B 62 -5.23 -15.09 -5.84
CA PHE B 62 -4.16 -15.21 -6.85
C PHE B 62 -2.89 -15.64 -6.15
N PRO B 63 -1.84 -16.01 -6.89
CA PRO B 63 -0.68 -16.53 -6.24
C PRO B 63 -0.09 -15.53 -5.26
N LEU B 64 -0.18 -14.23 -5.55
CA LEU B 64 0.40 -13.23 -4.64
C LEU B 64 -0.55 -12.65 -3.57
N GLY B 65 -1.81 -13.02 -3.62
CA GLY B 65 -2.75 -12.53 -2.63
C GLY B 65 -4.16 -12.44 -3.09
N SER B 66 -4.92 -11.60 -2.46
CA SER B 66 -6.31 -11.52 -2.71
C SER B 66 -6.78 -10.08 -2.79
N ILE B 67 -7.94 -9.94 -3.41
CA ILE B 67 -8.66 -8.65 -3.46
C ILE B 67 -10.16 -8.87 -3.04
N ASN B 68 -10.73 -7.94 -2.31
CA ASN B 68 -12.12 -8.16 -1.82
C ASN B 68 -12.78 -6.81 -1.70
N SER B 69 -14.07 -6.82 -2.09
CA SER B 69 -14.98 -5.76 -1.73
CA SER B 69 -14.98 -5.74 -1.69
C SER B 69 -16.27 -6.41 -1.25
N MET B 70 -16.20 -7.04 -0.11
CA MET B 70 -17.34 -7.84 0.34
C MET B 70 -18.58 -7.04 0.62
N GLY B 71 -18.42 -5.85 1.10
CA GLY B 71 -19.59 -5.04 1.50
C GLY B 71 -20.12 -5.35 2.86
N LEU B 72 -19.30 -5.81 3.80
CA LEU B 72 -19.68 -6.12 5.15
C LEU B 72 -20.88 -7.06 5.25
N PRO B 73 -20.92 -8.13 4.48
CA PRO B 73 -21.98 -9.10 4.68
C PRO B 73 -21.85 -9.66 6.07
N ASN B 74 -22.95 -9.83 6.82
CA ASN B 74 -22.87 -10.43 8.14
C ASN B 74 -24.28 -10.78 8.58
N LEU B 75 -24.35 -11.62 9.58
CA LEU B 75 -25.66 -12.10 10.07
C LEU B 75 -26.28 -11.13 11.12
N GLY B 76 -25.64 -10.01 11.44
CA GLY B 76 -26.14 -9.07 12.39
C GLY B 76 -25.66 -9.33 13.80
N PHE B 77 -25.54 -8.23 14.55
CA PHE B 77 -24.99 -8.28 15.90
C PHE B 77 -25.74 -9.27 16.82
N ASP B 78 -27.11 -9.35 16.75
CA ASP B 78 -27.79 -10.26 17.61
C ASP B 78 -27.30 -11.73 17.50
N PHE B 79 -26.95 -12.12 16.29
CA PHE B 79 -26.44 -13.45 16.02
C PHE B 79 -25.07 -13.67 16.64
N TYR B 80 -24.16 -12.69 16.46
CA TYR B 80 -22.83 -12.90 17.03
C TYR B 80 -22.83 -12.79 18.53
N LEU B 81 -23.71 -11.93 19.08
CA LEU B 81 -23.85 -11.76 20.56
C LEU B 81 -24.39 -13.09 21.12
N LYS B 82 -25.34 -13.72 20.44
CA LYS B 82 -25.85 -15.02 20.87
C LYS B 82 -24.82 -16.12 20.79
N TYR B 83 -24.02 -16.10 19.72
CA TYR B 83 -22.89 -16.99 19.65
C TYR B 83 -21.96 -16.83 20.85
N ALA B 84 -21.59 -15.58 21.16
CA ALA B 84 -20.69 -15.34 22.31
C ALA B 84 -21.30 -15.76 23.68
N SER B 85 -22.60 -15.54 23.77
CA SER B 85 -23.25 -15.63 25.13
C SER B 85 -23.70 -17.06 25.34
N ASP B 86 -24.14 -17.75 24.31
CA ASP B 86 -24.75 -19.13 24.47
C ASP B 86 -24.06 -20.32 23.78
N LEU B 87 -23.37 -20.09 22.64
CA LEU B 87 -22.95 -21.19 21.82
C LEU B 87 -21.41 -21.46 21.89
N HIS B 88 -20.60 -20.43 22.07
CA HIS B 88 -19.17 -20.65 22.04
C HIS B 88 -18.73 -21.45 23.23
N ASP B 89 -17.88 -22.44 22.97
CA ASP B 89 -17.23 -23.19 24.05
C ASP B 89 -15.84 -22.55 24.48
N TYR B 90 -15.91 -21.72 25.52
CA TYR B 90 -14.76 -21.02 26.05
C TYR B 90 -13.66 -21.96 26.58
N SER B 91 -14.01 -23.19 26.82
CA SER B 91 -12.98 -24.13 27.29
C SER B 91 -12.03 -24.51 26.15
N LYS B 92 -12.46 -24.26 24.92
CA LYS B 92 -11.68 -24.62 23.73
C LYS B 92 -10.65 -23.53 23.39
N LYS B 93 -11.06 -22.25 23.40
CA LYS B 93 -10.15 -21.10 23.11
C LYS B 93 -10.90 -19.82 23.32
N PRO B 94 -10.19 -18.74 23.47
CA PRO B 94 -10.87 -17.45 23.52
C PRO B 94 -11.56 -16.99 22.26
N LEU B 95 -12.58 -16.16 22.43
CA LEU B 95 -13.35 -15.61 21.34
C LEU B 95 -13.25 -14.08 21.35
N PHE B 96 -12.91 -13.48 20.20
CA PHE B 96 -13.05 -12.10 19.92
C PHE B 96 -14.26 -11.83 19.06
N LEU B 97 -15.02 -10.76 19.32
CA LEU B 97 -16.12 -10.36 18.47
C LEU B 97 -15.74 -9.07 17.80
N SER B 98 -15.81 -8.96 16.47
CA SER B 98 -15.49 -7.74 15.77
C SER B 98 -16.77 -6.98 15.46
N ILE B 99 -16.79 -5.68 15.76
CA ILE B 99 -17.89 -4.78 15.53
C ILE B 99 -17.44 -3.75 14.50
N SER B 100 -18.27 -3.42 13.53
CA SER B 100 -18.01 -2.45 12.56
C SER B 100 -19.27 -1.71 12.17
N GLY B 101 -19.81 -1.00 13.14
CA GLY B 101 -20.97 -0.14 12.87
C GLY B 101 -20.64 0.95 11.87
N LEU B 102 -21.67 1.46 11.18
CA LEU B 102 -21.52 2.45 10.10
C LEU B 102 -21.57 3.90 10.65
N SER B 103 -21.73 4.02 11.97
CA SER B 103 -21.69 5.31 12.69
C SER B 103 -21.29 5.08 14.08
N VAL B 104 -20.91 6.15 14.75
CA VAL B 104 -20.53 6.05 16.08
C VAL B 104 -21.70 5.54 16.97
N GLU B 105 -22.91 6.04 16.65
CA GLU B 105 -24.04 5.66 17.43
C GLU B 105 -24.37 4.20 17.39
N GLU B 106 -24.18 3.64 16.21
CA GLU B 106 -24.41 2.18 16.01
C GLU B 106 -23.39 1.35 16.77
N ASN B 107 -22.12 1.76 16.71
CA ASN B 107 -21.08 1.14 17.60
C ASN B 107 -21.41 1.23 19.05
N VAL B 108 -21.82 2.42 19.52
CA VAL B 108 -22.16 2.59 20.93
C VAL B 108 -23.32 1.64 21.35
N ALA B 109 -24.31 1.56 20.52
CA ALA B 109 -25.44 0.70 20.83
C ALA B 109 -25.06 -0.79 20.95
N MET B 110 -24.16 -1.24 20.08
CA MET B 110 -23.71 -2.63 20.13
C MET B 110 -22.82 -2.86 21.36
N VAL B 111 -21.83 -1.94 21.60
CA VAL B 111 -20.92 -2.20 22.70
C VAL B 111 -21.62 -2.20 24.10
N ARG B 112 -22.70 -1.41 24.19
CA ARG B 112 -23.46 -1.33 25.50
C ARG B 112 -24.08 -2.68 25.80
N ARG B 113 -24.50 -3.38 24.74
CA ARG B 113 -25.07 -4.74 24.87
C ARG B 113 -24.01 -5.83 25.02
N LEU B 114 -22.82 -5.62 24.41
CA LEU B 114 -21.78 -6.57 24.58
C LEU B 114 -21.12 -6.59 25.96
N ALA B 115 -21.03 -5.39 26.58
CA ALA B 115 -20.37 -5.26 27.86
C ALA B 115 -20.70 -6.37 28.91
N PRO B 116 -22.01 -6.60 29.23
CA PRO B 116 -22.26 -7.65 30.20
C PRO B 116 -21.93 -9.05 29.81
N VAL B 117 -21.97 -9.32 28.51
CA VAL B 117 -21.50 -10.64 28.04
C VAL B 117 -19.96 -10.80 28.09
N ALA B 118 -19.25 -9.73 27.77
CA ALA B 118 -17.84 -9.65 28.06
C ALA B 118 -17.49 -9.89 29.50
N GLN B 119 -18.21 -9.22 30.42
CA GLN B 119 -17.99 -9.45 31.86
C GLN B 119 -18.27 -10.89 32.27
N GLU B 120 -19.36 -11.45 31.79
CA GLU B 120 -19.78 -12.78 32.23
C GLU B 120 -19.00 -13.90 31.59
N LYS B 121 -18.76 -13.79 30.30
CA LYS B 121 -18.18 -14.89 29.55
C LYS B 121 -16.71 -14.65 29.10
N GLY B 122 -16.26 -13.41 29.06
CA GLY B 122 -14.86 -13.11 28.73
C GLY B 122 -14.64 -12.94 27.21
N VAL B 123 -15.68 -12.89 26.40
CA VAL B 123 -15.51 -12.47 24.99
C VAL B 123 -14.79 -11.12 24.93
N LEU B 124 -13.92 -10.97 23.89
CA LEU B 124 -13.12 -9.79 23.69
C LEU B 124 -13.57 -8.99 22.51
N LEU B 125 -13.58 -7.72 22.65
CA LEU B 125 -14.05 -6.82 21.58
C LEU B 125 -12.87 -6.35 20.68
N GLU B 126 -13.02 -6.51 19.37
CA GLU B 126 -12.18 -5.88 18.38
C GLU B 126 -13.03 -4.91 17.57
N LEU B 127 -12.78 -3.57 17.64
CA LEU B 127 -13.53 -2.58 17.00
C LEU B 127 -12.88 -2.27 15.69
N ASN B 128 -13.59 -2.51 14.59
CA ASN B 128 -13.04 -2.25 13.26
C ASN B 128 -13.24 -0.80 12.84
N LEU B 129 -12.14 -0.09 12.62
CA LEU B 129 -12.16 1.31 12.24
C LEU B 129 -12.07 1.56 10.75
N SER B 130 -12.52 0.58 9.91
CA SER B 130 -12.76 0.67 8.42
C SER B 130 -14.26 0.56 8.03
N CYS B 131 -14.74 1.12 6.93
CA CYS B 131 -16.09 1.67 6.67
CA CYS B 131 -16.08 1.62 6.66
C CYS B 131 -16.36 1.43 5.17
N PRO B 132 -17.64 1.15 4.75
CA PRO B 132 -17.86 1.42 3.29
C PRO B 132 -17.57 2.91 2.96
N ASN B 133 -17.17 3.16 1.71
CA ASN B 133 -16.92 4.54 1.25
C ASN B 133 -18.16 5.39 1.40
N VAL B 134 -17.95 6.57 1.99
CA VAL B 134 -18.97 7.67 1.96
C VAL B 134 -18.40 8.85 1.15
N PRO B 135 -19.00 9.18 -0.02
CA PRO B 135 -18.38 10.31 -0.77
C PRO B 135 -18.24 11.60 0.07
N GLY B 136 -17.08 12.23 -0.06
CA GLY B 136 -16.78 13.49 0.62
C GLY B 136 -16.08 13.27 1.95
N LYS B 137 -15.94 12.01 2.41
CA LYS B 137 -15.14 11.74 3.66
C LYS B 137 -14.30 10.46 3.67
N PRO B 138 -13.12 10.52 4.33
CA PRO B 138 -12.26 9.30 4.39
C PRO B 138 -12.77 8.25 5.38
N GLN B 139 -12.24 7.04 5.32
CA GLN B 139 -12.49 6.04 6.32
C GLN B 139 -12.15 6.60 7.66
N VAL B 140 -12.81 6.08 8.67
CA VAL B 140 -12.65 6.64 9.99
C VAL B 140 -11.20 6.70 10.43
N ALA B 141 -10.44 5.61 10.22
CA ALA B 141 -9.08 5.70 10.85
C ALA B 141 -8.15 6.54 10.06
N TYR B 142 -8.60 6.99 8.91
CA TYR B 142 -7.83 7.98 8.14
C TYR B 142 -8.31 9.42 8.38
N ASP B 143 -9.24 9.58 9.29
CA ASP B 143 -9.74 10.88 9.72
C ASP B 143 -9.55 10.91 11.24
N PHE B 144 -8.48 11.52 11.70
CA PHE B 144 -8.06 11.36 13.08
C PHE B 144 -9.07 11.93 14.08
N GLU B 145 -9.77 12.97 13.66
CA GLU B 145 -10.77 13.53 14.58
C GLU B 145 -11.94 12.56 14.70
N ALA B 146 -12.35 11.94 13.62
CA ALA B 146 -13.40 10.94 13.68
C ALA B 146 -12.95 9.77 14.53
N MET B 147 -11.69 9.28 14.32
CA MET B 147 -11.20 8.17 15.13
C MET B 147 -11.28 8.46 16.62
N ARG B 148 -10.84 9.68 17.00
CA ARG B 148 -10.82 10.07 18.44
C ARG B 148 -12.29 10.02 19.03
N THR B 149 -13.23 10.49 18.23
CA THR B 149 -14.67 10.43 18.60
C THR B 149 -15.15 9.04 18.80
N TYR B 150 -14.87 8.18 17.83
CA TYR B 150 -15.26 6.81 17.97
C TYR B 150 -14.71 6.22 19.24
N LEU B 151 -13.40 6.40 19.45
CA LEU B 151 -12.75 5.78 20.62
C LEU B 151 -13.29 6.37 21.91
N GLN B 152 -13.52 7.69 21.94
CA GLN B 152 -14.07 8.31 23.16
C GLN B 152 -15.45 7.72 23.50
N GLN B 153 -16.31 7.68 22.54
CA GLN B 153 -17.68 7.19 22.72
C GLN B 153 -17.74 5.70 23.05
N VAL B 154 -16.91 4.90 22.36
CA VAL B 154 -16.89 3.47 22.66
C VAL B 154 -16.32 3.20 24.01
N SER B 155 -15.21 3.89 24.36
CA SER B 155 -14.63 3.71 25.63
C SER B 155 -15.68 3.97 26.76
N LEU B 156 -16.36 5.09 26.65
CA LEU B 156 -17.41 5.46 27.64
C LEU B 156 -18.52 4.44 27.69
N ALA B 157 -19.02 4.05 26.51
CA ALA B 157 -20.14 3.11 26.44
C ALA B 157 -19.81 1.69 26.88
N TYR B 158 -18.58 1.20 26.60
CA TYR B 158 -18.17 -0.13 26.88
C TYR B 158 -17.53 -0.30 28.26
N GLY B 159 -16.57 0.57 28.60
CA GLY B 159 -15.99 0.58 29.92
C GLY B 159 -15.06 -0.53 30.30
N LEU B 160 -14.69 -1.40 29.32
CA LEU B 160 -13.87 -2.58 29.55
C LEU B 160 -12.71 -2.55 28.49
N PRO B 161 -11.64 -3.25 28.78
CA PRO B 161 -10.51 -3.35 27.77
C PRO B 161 -11.04 -3.88 26.42
N PHE B 162 -10.53 -3.29 25.35
CA PHE B 162 -10.90 -3.66 23.96
C PHE B 162 -9.73 -3.42 23.06
N GLY B 163 -9.89 -3.83 21.81
CA GLY B 163 -8.87 -3.57 20.79
C GLY B 163 -9.48 -2.94 19.57
N VAL B 164 -8.60 -2.45 18.71
CA VAL B 164 -8.97 -1.76 17.53
C VAL B 164 -8.24 -2.34 16.30
N LYS B 165 -8.99 -2.62 15.27
CA LYS B 165 -8.47 -3.04 13.97
C LYS B 165 -8.19 -1.78 13.10
N MET B 166 -6.91 -1.64 12.70
CA MET B 166 -6.43 -0.49 11.96
C MET B 166 -6.16 -0.78 10.53
N PRO B 167 -6.44 0.16 9.64
CA PRO B 167 -5.88 0.11 8.31
C PRO B 167 -4.39 0.42 8.32
N PRO B 168 -3.68 0.07 7.25
CA PRO B 168 -2.27 0.45 7.13
C PRO B 168 -2.11 1.96 6.94
N TYR B 169 -1.01 2.43 7.54
CA TYR B 169 -0.47 3.76 7.23
C TYR B 169 0.82 3.70 6.49
N PHE B 170 1.14 4.75 5.78
CA PHE B 170 2.26 4.75 4.82
C PHE B 170 3.16 5.93 5.02
N ASP B 171 3.02 6.63 6.11
CA ASP B 171 3.66 7.97 6.28
C ASP B 171 3.99 8.04 7.76
N ILE B 172 5.24 8.45 8.07
CA ILE B 172 5.71 8.41 9.45
C ILE B 172 4.94 9.40 10.35
N ALA B 173 4.62 10.58 9.80
CA ALA B 173 3.79 11.51 10.55
C ALA B 173 2.44 10.90 10.90
N HIS B 174 1.90 10.11 9.99
CA HIS B 174 0.63 9.46 10.24
C HIS B 174 0.75 8.41 11.36
N PHE B 175 1.85 7.66 11.40
CA PHE B 175 2.04 6.72 12.49
C PHE B 175 2.08 7.52 13.80
N ASP B 176 2.79 8.62 13.79
CA ASP B 176 2.92 9.38 15.05
C ASP B 176 1.52 9.89 15.47
N THR B 177 0.73 10.42 14.54
CA THR B 177 -0.57 10.95 14.89
C THR B 177 -1.55 9.87 15.37
N ALA B 178 -1.58 8.76 14.65
CA ALA B 178 -2.48 7.66 14.95
C ALA B 178 -2.16 7.10 16.28
N ALA B 179 -0.89 6.84 16.55
CA ALA B 179 -0.52 6.25 17.81
C ALA B 179 -0.86 7.22 18.97
N ALA B 180 -0.63 8.52 18.76
CA ALA B 180 -1.00 9.47 19.82
C ALA B 180 -2.48 9.43 20.10
N VAL B 181 -3.31 9.30 19.08
CA VAL B 181 -4.75 9.16 19.34
C VAL B 181 -4.98 7.94 20.18
N LEU B 182 -4.48 6.76 19.76
CA LEU B 182 -4.74 5.56 20.46
C LEU B 182 -4.27 5.59 21.89
N ASN B 183 -3.13 6.21 22.13
CA ASN B 183 -2.58 6.30 23.49
C ASN B 183 -3.42 7.25 24.42
N GLU B 184 -4.37 7.98 23.85
CA GLU B 184 -5.30 8.83 24.72
C GLU B 184 -6.25 7.90 25.44
N PHE B 185 -6.40 6.66 24.99
CA PHE B 185 -7.46 5.71 25.46
C PHE B 185 -6.89 4.53 26.18
N PRO B 186 -6.86 4.56 27.51
CA PRO B 186 -6.32 3.47 28.28
C PRO B 186 -7.06 2.12 28.12
N LEU B 187 -8.35 2.18 27.72
CA LEU B 187 -9.08 0.96 27.55
C LEU B 187 -8.68 0.20 26.26
N VAL B 188 -8.01 0.94 25.36
CA VAL B 188 -7.55 0.25 24.09
C VAL B 188 -6.32 -0.52 24.46
N LYS B 189 -6.44 -1.83 24.66
CA LYS B 189 -5.38 -2.64 25.17
C LYS B 189 -4.66 -3.45 24.06
N PHE B 190 -5.26 -3.50 22.87
CA PHE B 190 -4.56 -4.10 21.72
C PHE B 190 -4.94 -3.37 20.47
N VAL B 191 -3.99 -3.41 19.51
CA VAL B 191 -4.07 -2.72 18.25
C VAL B 191 -3.82 -3.84 17.22
N THR B 192 -4.71 -4.07 16.29
CA THR B 192 -4.46 -5.11 15.24
C THR B 192 -4.07 -4.39 13.97
N CYS B 193 -2.85 -4.71 13.52
CA CYS B 193 -2.25 -4.08 12.35
C CYS B 193 -1.96 -5.21 11.40
N VAL B 194 -2.61 -5.33 10.23
CA VAL B 194 -3.43 -4.37 9.57
C VAL B 194 -4.63 -5.01 8.87
N ASN B 195 -5.62 -4.16 8.60
CA ASN B 195 -6.64 -4.48 7.61
C ASN B 195 -6.05 -4.43 6.21
N SER B 196 -6.87 -4.73 5.24
CA SER B 196 -6.43 -4.82 3.85
C SER B 196 -5.83 -3.49 3.41
N VAL B 197 -4.91 -3.58 2.45
CA VAL B 197 -4.37 -2.38 1.77
C VAL B 197 -5.47 -1.90 0.83
N GLY B 198 -6.01 -0.72 1.10
CA GLY B 198 -7.26 -0.29 0.48
C GLY B 198 -7.17 0.01 -1.00
N ASN B 199 -8.27 -0.38 -1.64
CA ASN B 199 -8.54 0.09 -3.03
C ASN B 199 -7.38 -0.14 -4.01
N GLY B 200 -6.91 -1.39 -4.06
CA GLY B 200 -6.15 -1.91 -5.15
C GLY B 200 -7.05 -2.31 -6.32
N LEU B 201 -6.43 -2.70 -7.41
CA LEU B 201 -7.14 -3.09 -8.62
C LEU B 201 -6.43 -4.16 -9.29
N VAL B 202 -7.04 -5.36 -9.39
CA VAL B 202 -6.48 -6.50 -10.13
C VAL B 202 -7.22 -6.56 -11.48
N ILE B 203 -6.44 -6.71 -12.53
CA ILE B 203 -6.94 -6.78 -13.89
C ILE B 203 -6.42 -8.11 -14.52
N ASP B 204 -7.32 -8.80 -15.20
CA ASP B 204 -6.99 -10.03 -15.90
C ASP B 204 -6.63 -9.73 -17.35
N ALA B 205 -5.43 -10.09 -17.76
CA ALA B 205 -5.00 -9.75 -19.10
C ALA B 205 -5.79 -10.39 -20.23
N GLU B 206 -6.16 -11.65 -20.05
CA GLU B 206 -6.83 -12.33 -21.13
C GLU B 206 -8.19 -11.70 -21.44
N SER B 207 -8.97 -11.47 -20.38
CA SER B 207 -10.29 -10.93 -20.49
C SER B 207 -10.35 -9.40 -20.56
N GLU B 208 -9.23 -8.80 -20.19
CA GLU B 208 -9.10 -7.36 -20.17
C GLU B 208 -10.10 -6.74 -19.19
N SER B 209 -10.44 -7.50 -18.13
CA SER B 209 -11.46 -7.13 -17.22
C SER B 209 -10.91 -7.10 -15.82
N VAL B 210 -11.50 -6.26 -15.03
CA VAL B 210 -11.35 -6.38 -13.55
C VAL B 210 -11.97 -7.72 -13.07
N VAL B 211 -11.60 -8.16 -11.86
CA VAL B 211 -11.99 -9.47 -11.39
C VAL B 211 -13.02 -9.54 -10.29
N ILE B 212 -13.37 -8.44 -9.73
CA ILE B 212 -14.50 -8.31 -8.88
C ILE B 212 -15.49 -7.24 -9.35
N LYS B 213 -16.76 -7.50 -9.05
CA LYS B 213 -17.90 -6.73 -9.57
C LYS B 213 -18.09 -5.39 -8.89
N PRO B 214 -18.09 -5.33 -7.55
CA PRO B 214 -18.30 -4.03 -6.92
C PRO B 214 -17.20 -3.00 -7.15
N LYS B 215 -17.59 -1.73 -7.02
CA LYS B 215 -16.59 -0.65 -7.06
C LYS B 215 -15.70 -0.62 -8.29
N GLN B 216 -16.23 -0.97 -9.43
CA GLN B 216 -15.50 -1.04 -10.67
C GLN B 216 -14.16 -1.77 -10.59
N GLY B 217 -14.18 -2.80 -9.75
CA GLY B 217 -13.09 -3.72 -9.58
C GLY B 217 -12.13 -3.36 -8.45
N PHE B 218 -12.31 -2.24 -7.84
CA PHE B 218 -11.40 -1.78 -6.71
C PHE B 218 -11.72 -2.56 -5.46
N GLY B 219 -10.71 -2.97 -4.66
CA GLY B 219 -10.98 -3.62 -3.37
C GLY B 219 -9.71 -3.77 -2.57
N GLY B 220 -9.87 -4.21 -1.36
CA GLY B 220 -8.76 -4.30 -0.46
C GLY B 220 -7.91 -5.51 -0.77
N LEU B 221 -6.61 -5.27 -0.69
CA LEU B 221 -5.60 -6.29 -0.93
C LEU B 221 -5.14 -6.96 0.37
N GLY B 222 -5.03 -8.29 0.27
CA GLY B 222 -4.37 -9.11 1.29
C GLY B 222 -3.35 -10.04 0.71
N GLY B 223 -2.64 -10.72 1.58
CA GLY B 223 -1.76 -11.77 1.21
C GLY B 223 -0.30 -11.27 0.95
N LYS B 224 0.42 -11.92 -0.01
CA LYS B 224 1.86 -11.67 -0.14
C LYS B 224 2.17 -10.26 -0.50
N TYR B 225 1.27 -9.60 -1.22
CA TYR B 225 1.50 -8.23 -1.59
C TYR B 225 1.77 -7.30 -0.37
N ILE B 226 1.19 -7.66 0.80
CA ILE B 226 1.09 -6.70 1.89
C ILE B 226 1.96 -6.99 3.09
N LEU B 227 2.77 -8.05 3.00
CA LEU B 227 3.57 -8.45 4.22
C LEU B 227 4.55 -7.30 4.69
N PRO B 228 5.32 -6.65 3.78
CA PRO B 228 6.15 -5.59 4.36
C PRO B 228 5.41 -4.40 4.94
N THR B 229 4.25 -4.09 4.36
CA THR B 229 3.38 -3.04 4.85
C THR B 229 2.90 -3.41 6.27
N ALA B 230 2.46 -4.65 6.37
CA ALA B 230 1.97 -5.15 7.65
C ALA B 230 3.04 -5.14 8.72
N LEU B 231 4.24 -5.62 8.41
CA LEU B 231 5.35 -5.61 9.37
C LEU B 231 5.70 -4.20 9.82
N ALA B 232 5.65 -3.24 8.89
CA ALA B 232 5.96 -1.88 9.22
C ALA B 232 4.96 -1.29 10.18
N ASN B 233 3.68 -1.59 9.94
CA ASN B 233 2.69 -1.09 10.85
C ASN B 233 2.73 -1.73 12.22
N VAL B 234 2.94 -3.03 12.21
CA VAL B 234 3.12 -3.73 13.48
C VAL B 234 4.25 -3.04 14.28
N ASN B 235 5.40 -2.87 13.65
CA ASN B 235 6.54 -2.38 14.38
C ASN B 235 6.34 -0.94 14.78
N ALA B 236 5.74 -0.13 13.87
CA ALA B 236 5.57 1.28 14.17
C ALA B 236 4.70 1.43 15.39
N PHE B 237 3.62 0.67 15.54
CA PHE B 237 2.73 0.78 16.68
C PHE B 237 3.31 0.06 17.89
N TYR B 238 4.08 -0.99 17.69
CA TYR B 238 4.78 -1.62 18.80
C TYR B 238 5.73 -0.62 19.47
N ARG B 239 6.46 0.14 18.68
CA ARG B 239 7.38 1.12 19.22
C ARG B 239 6.59 2.30 19.88
N ARG B 240 5.47 2.68 19.33
CA ARG B 240 4.72 3.89 19.77
C ARG B 240 3.78 3.63 20.90
N CYS B 241 3.39 2.38 21.13
CA CYS B 241 2.30 2.09 22.10
C CYS B 241 2.86 1.07 23.07
N PRO B 242 3.81 1.47 23.95
CA PRO B 242 4.38 0.51 24.88
C PRO B 242 3.43 -0.08 25.90
N ASP B 243 2.33 0.58 26.23
CA ASP B 243 1.34 0.03 27.13
C ASP B 243 0.20 -0.76 26.52
N LYS B 244 0.33 -1.04 25.22
CA LYS B 244 -0.66 -1.82 24.47
C LYS B 244 0.02 -3.06 23.88
N LEU B 245 -0.78 -4.06 23.54
CA LEU B 245 -0.34 -5.20 22.73
C LEU B 245 -0.64 -4.80 21.25
N VAL B 246 0.16 -5.40 20.35
CA VAL B 246 -0.03 -5.28 18.92
C VAL B 246 -0.34 -6.68 18.43
N PHE B 247 -1.38 -6.85 17.65
CA PHE B 247 -1.72 -8.11 16.99
C PHE B 247 -1.35 -7.93 15.53
N GLY B 248 -0.59 -8.85 14.94
CA GLY B 248 -0.19 -8.72 13.55
C GLY B 248 -1.14 -9.42 12.66
N CYS B 249 -1.41 -8.80 11.54
CA CYS B 249 -2.23 -9.37 10.49
C CYS B 249 -1.74 -8.88 9.15
N GLY B 250 -1.51 -9.75 8.20
CA GLY B 250 -1.17 -9.35 6.84
C GLY B 250 -0.07 -10.21 6.29
N GLY B 251 -0.34 -11.00 5.25
CA GLY B 251 0.72 -11.68 4.59
C GLY B 251 1.25 -12.90 5.23
N VAL B 252 0.55 -13.47 6.24
CA VAL B 252 1.07 -14.69 6.86
C VAL B 252 0.67 -15.92 6.06
N TYR B 253 1.63 -16.63 5.49
CA TYR B 253 1.41 -17.92 4.85
C TYR B 253 2.26 -19.03 5.50
N SER B 254 3.18 -18.72 6.36
CA SER B 254 4.11 -19.71 6.84
C SER B 254 4.53 -19.31 8.24
N GLY B 255 5.11 -20.26 8.92
CA GLY B 255 5.64 -19.96 10.21
C GLY B 255 6.75 -18.92 10.21
N GLU B 256 7.48 -18.83 9.13
CA GLU B 256 8.49 -17.81 9.02
C GLU B 256 7.85 -16.43 8.93
N ASP B 257 6.75 -16.36 8.24
CA ASP B 257 6.05 -15.08 8.14
C ASP B 257 5.54 -14.67 9.55
N ALA B 258 5.03 -15.64 10.29
CA ALA B 258 4.60 -15.38 11.67
C ALA B 258 5.75 -14.92 12.57
N PHE B 259 6.87 -15.66 12.36
CA PHE B 259 8.10 -15.29 13.08
C PHE B 259 8.54 -13.83 12.84
N LEU B 260 8.40 -13.35 11.61
CA LEU B 260 8.73 -11.96 11.22
C LEU B 260 7.74 -11.02 11.95
N HIS B 261 6.41 -11.35 11.95
CA HIS B 261 5.44 -10.53 12.64
C HIS B 261 5.77 -10.41 14.13
N ILE B 262 6.14 -11.54 14.75
CA ILE B 262 6.44 -11.52 16.18
C ILE B 262 7.76 -10.73 16.44
N LEU B 263 8.76 -10.92 15.62
CA LEU B 263 9.99 -10.12 15.73
C LEU B 263 9.70 -8.61 15.66
N ALA B 264 8.70 -8.23 14.84
CA ALA B 264 8.28 -6.85 14.65
C ALA B 264 7.51 -6.32 15.84
N GLY B 265 6.95 -7.24 16.65
CA GLY B 265 6.24 -6.86 17.86
C GLY B 265 4.89 -7.55 18.09
N ALA B 266 4.47 -8.43 17.20
CA ALA B 266 3.14 -9.04 17.39
C ALA B 266 3.01 -10.01 18.54
N SER B 267 1.91 -9.88 19.25
CA SER B 267 1.51 -10.84 20.27
C SER B 267 0.66 -11.98 19.68
N MET B 268 -0.48 -11.68 19.13
CA MET B 268 -1.21 -12.66 18.33
C MET B 268 -0.90 -12.38 16.86
N VAL B 269 -1.08 -13.39 16.01
CA VAL B 269 -0.82 -13.36 14.59
C VAL B 269 -2.11 -13.92 13.92
N GLN B 270 -2.72 -13.06 13.12
CA GLN B 270 -3.98 -13.34 12.41
C GLN B 270 -3.67 -13.76 10.95
N VAL B 271 -4.52 -14.65 10.45
CA VAL B 271 -4.32 -15.20 9.13
C VAL B 271 -5.60 -15.04 8.32
N GLY B 272 -5.56 -14.29 7.21
CA GLY B 272 -6.70 -13.98 6.41
C GLY B 272 -6.67 -14.75 5.09
N THR B 273 -6.07 -14.15 4.04
CA THR B 273 -6.02 -14.76 2.69
C THR B 273 -5.53 -16.18 2.76
N ALA B 274 -4.44 -16.45 3.44
CA ALA B 274 -3.88 -17.78 3.42
C ALA B 274 -4.86 -18.85 3.98
N LEU B 275 -5.56 -18.46 5.02
CA LEU B 275 -6.61 -19.23 5.62
C LEU B 275 -7.76 -19.45 4.66
N GLN B 276 -8.22 -18.41 4.01
CA GLN B 276 -9.29 -18.53 3.02
C GLN B 276 -8.86 -19.54 1.94
N GLU B 277 -7.62 -19.54 1.52
CA GLU B 277 -7.18 -20.33 0.43
C GLU B 277 -6.85 -21.74 0.86
N GLU B 278 -6.29 -21.99 2.03
CA GLU B 278 -5.82 -23.31 2.44
C GLU B 278 -6.80 -24.02 3.32
N GLY B 279 -7.57 -23.29 4.03
CA GLY B 279 -8.50 -23.82 5.01
C GLY B 279 -7.83 -23.98 6.40
N PRO B 280 -8.59 -24.43 7.43
CA PRO B 280 -8.17 -24.43 8.79
C PRO B 280 -7.03 -25.35 9.23
N GLY B 281 -6.76 -26.31 8.34
CA GLY B 281 -5.54 -27.12 8.43
C GLY B 281 -4.29 -26.26 8.50
N ILE B 282 -4.36 -25.04 7.93
CA ILE B 282 -3.21 -24.18 7.93
C ILE B 282 -2.63 -24.00 9.37
N PHE B 283 -3.48 -24.03 10.41
CA PHE B 283 -3.04 -23.69 11.76
C PHE B 283 -2.03 -24.73 12.26
N THR B 284 -2.21 -25.99 11.97
CA THR B 284 -1.23 -26.95 12.42
C THR B 284 0.08 -26.76 11.76
N ARG B 285 0.09 -26.46 10.49
CA ARG B 285 1.31 -26.17 9.73
C ARG B 285 2.01 -24.98 10.26
N LEU B 286 1.31 -23.90 10.49
CA LEU B 286 1.91 -22.70 10.97
C LEU B 286 2.57 -22.92 12.32
N GLU B 287 1.88 -23.63 13.20
CA GLU B 287 2.49 -23.95 14.51
C GLU B 287 3.79 -24.73 14.36
N ASP B 288 3.73 -25.78 13.56
CA ASP B 288 4.88 -26.68 13.35
C ASP B 288 6.04 -25.86 12.84
N GLU B 289 5.75 -25.04 11.79
CA GLU B 289 6.79 -24.27 11.19
C GLU B 289 7.41 -23.26 12.19
N LEU B 290 6.60 -22.59 12.95
CA LEU B 290 7.09 -21.59 13.91
C LEU B 290 7.96 -22.28 14.97
N LEU B 291 7.50 -23.43 15.47
CA LEU B 291 8.30 -24.15 16.47
C LEU B 291 9.59 -24.60 15.83
N GLU B 292 9.61 -25.04 14.59
CA GLU B 292 10.83 -25.49 13.95
C GLU B 292 11.83 -24.35 13.85
N ILE B 293 11.40 -23.17 13.44
CA ILE B 293 12.34 -22.04 13.37
C ILE B 293 12.83 -21.61 14.75
N MET B 294 11.95 -21.66 15.76
CA MET B 294 12.38 -21.36 17.14
C MET B 294 13.48 -22.40 17.53
N ALA B 295 13.23 -23.68 17.32
CA ALA B 295 14.19 -24.74 17.69
C ALA B 295 15.52 -24.51 17.02
N ARG B 296 15.52 -24.19 15.74
CA ARG B 296 16.76 -24.02 15.00
C ARG B 296 17.56 -22.85 15.59
N LYS B 297 16.88 -21.81 16.06
CA LYS B 297 17.50 -20.63 16.65
C LYS B 297 17.80 -20.73 18.15
N GLY B 298 17.28 -21.72 18.83
CA GLY B 298 17.42 -21.82 20.27
C GLY B 298 16.46 -21.05 21.09
N TYR B 299 15.33 -20.55 20.52
CA TYR B 299 14.40 -19.83 21.31
C TYR B 299 13.40 -20.83 21.93
N ARG B 300 13.13 -20.65 23.20
CA ARG B 300 12.22 -21.52 23.89
C ARG B 300 10.86 -20.85 24.08
N THR B 301 10.78 -19.52 23.98
CA THR B 301 9.58 -18.77 24.26
C THR B 301 9.46 -17.67 23.16
N LEU B 302 8.19 -17.26 22.98
CA LEU B 302 7.92 -16.11 22.13
C LEU B 302 8.43 -14.81 22.68
N GLU B 303 8.41 -14.66 24.00
CA GLU B 303 8.88 -13.44 24.65
C GLU B 303 10.35 -13.20 24.37
N GLU B 304 11.11 -14.25 24.12
CA GLU B 304 12.53 -14.12 23.91
C GLU B 304 12.86 -13.29 22.66
N PHE B 305 11.94 -13.26 21.72
CA PHE B 305 12.24 -12.52 20.44
C PHE B 305 11.14 -11.54 20.03
N ARG B 306 10.05 -11.43 20.75
CA ARG B 306 9.00 -10.55 20.31
C ARG B 306 9.52 -9.10 20.37
N GLY B 307 9.34 -8.35 19.26
CA GLY B 307 9.77 -6.98 19.18
C GLY B 307 11.27 -6.78 19.07
N ARG B 308 12.01 -7.86 18.97
CA ARG B 308 13.49 -7.82 18.93
C ARG B 308 14.11 -7.76 17.60
N VAL B 309 13.34 -7.29 16.61
CA VAL B 309 13.93 -7.08 15.27
C VAL B 309 15.15 -6.17 15.48
N LYS B 310 16.21 -6.49 14.79
CA LYS B 310 17.45 -5.70 14.84
C LYS B 310 17.50 -4.60 13.79
N THR B 311 18.01 -3.44 14.16
CA THR B 311 18.27 -2.37 13.19
C THR B 311 19.73 -2.33 12.91
N ILE B 312 20.13 -1.68 11.81
CA ILE B 312 21.55 -1.55 11.46
C ILE B 312 22.12 -0.26 11.99
N GLU B 313 23.21 -0.38 12.75
CA GLU B 313 23.89 0.78 13.39
C GLU B 313 24.95 1.42 12.47
#